data_7VBS
#
_entry.id   7VBS
#
_cell.length_a   108.678
_cell.length_b   108.678
_cell.length_c   40.375
_cell.angle_alpha   90.000
_cell.angle_beta   90.000
_cell.angle_gamma   120.000
#
_symmetry.space_group_name_H-M   'P 65'
#
loop_
_entity.id
_entity.type
_entity.pdbx_description
1 polymer 'Sigma-54 dependent trancsriptional regulator'
2 non-polymer 'PHOSPHATE ION'
3 water water
#
_entity_poly.entity_id   1
_entity_poly.type   'polypeptide(L)'
_entity_poly.pdbx_seq_one_letter_code
;GHMRNTPAIEELDLYVWEGKADIVDRVARCMASFDVEVIRADNAAVSPERAALRRSLAIISVTMIEGGAAFLRDWQANIG
MPVVWVGAARDHDASQYPPEYSHILPLDFTCAELRGMIGKLVTQLRAHAAETLQPSELVAHSESMQALLHEVDTFADCDT
NVLLHGETGVGKERIAQLLHEKHSRYRHGEFVPVNCGAIPDGLFESLFFGHAKGSFTGAVVAHKGYFEQAAGGTLFLDEV
GDLPLYQQVKLLRVLEDGAVLRVGATAPVKVDFRLVAASNKKLPQLVKEGLFRADLYYRLAVIELSIPSLEERGAVDKIA
LFKSFVAQVVGEERLAELSDLPYWLTDSVADSYFPGNVRELRNLAERVGVTVRQTGGWDAARLQRLIAHARSAAQPVPAE
SAAEVFVDRSKWDMNERNRVIAALDANGWRRQDTAQQLGISRKVLWEKMRKYQIFDEEPETRESE
;
_entity_poly.pdbx_strand_id   A
#
loop_
_chem_comp.id
_chem_comp.type
_chem_comp.name
_chem_comp.formula
PO4 non-polymer 'PHOSPHATE ION' 'O4 P -3'
#
# COMPACT_ATOMS: atom_id res chain seq x y z
N HIS A 141 15.00 -4.39 12.28
CA HIS A 141 14.70 -4.01 10.88
C HIS A 141 15.94 -4.14 10.00
N SER A 142 15.72 -4.22 8.70
CA SER A 142 16.84 -4.33 7.72
C SER A 142 17.36 -2.94 7.38
N GLU A 143 18.56 -2.88 6.80
CA GLU A 143 19.13 -1.58 6.39
C GLU A 143 18.19 -0.92 5.38
N SER A 144 17.67 -1.70 4.44
CA SER A 144 16.79 -1.15 3.39
C SER A 144 15.56 -0.46 4.01
N MET A 145 14.93 -1.08 5.00
CA MET A 145 13.71 -0.49 5.57
C MET A 145 14.05 0.77 6.35
N GLN A 146 15.15 0.74 7.08
CA GLN A 146 15.58 1.92 7.87
C GLN A 146 15.79 3.10 6.92
N ALA A 147 16.45 2.86 5.78
CA ALA A 147 16.68 3.94 4.81
C ALA A 147 15.35 4.47 4.26
N LEU A 148 14.40 3.58 4.00
CA LEU A 148 13.08 4.00 3.46
C LEU A 148 12.36 4.82 4.52
N LEU A 149 12.27 4.31 5.73
CA LEU A 149 11.54 5.02 6.80
C LEU A 149 12.24 6.34 7.05
N HIS A 150 13.53 6.40 6.77
CA HIS A 150 14.28 7.65 6.89
C HIS A 150 13.84 8.62 5.79
N GLU A 151 13.66 8.11 4.59
CA GLU A 151 13.18 8.93 3.47
C GLU A 151 11.79 9.47 3.77
N VAL A 152 10.96 8.60 4.35
CA VAL A 152 9.62 9.00 4.78
C VAL A 152 9.70 10.16 5.76
N ASP A 153 10.56 10.04 6.76
CA ASP A 153 10.76 11.11 7.74
C ASP A 153 11.15 12.43 7.08
N THR A 154 11.90 12.34 5.99
CA THR A 154 12.42 13.53 5.32
C THR A 154 11.38 14.22 4.44
N PHE A 155 10.54 13.43 3.78
CA PHE A 155 9.65 13.97 2.74
C PHE A 155 8.17 13.94 3.09
N ALA A 156 7.83 13.53 4.31
CA ALA A 156 6.43 13.35 4.68
C ALA A 156 5.67 14.66 4.79
N ASP A 157 6.23 15.60 5.55
CA ASP A 157 5.50 16.81 5.91
C ASP A 157 5.64 17.93 4.87
N CYS A 158 5.46 17.59 3.60
CA CYS A 158 5.36 18.59 2.54
C CYS A 158 4.26 18.21 1.56
N ASP A 159 3.88 19.14 0.69
CA ASP A 159 2.71 18.95 -0.15
C ASP A 159 3.02 18.34 -1.52
N THR A 160 4.18 17.70 -1.62
CA THR A 160 4.66 17.19 -2.91
C THR A 160 4.15 15.79 -3.20
N ASN A 161 3.85 15.53 -4.47
CA ASN A 161 3.43 14.20 -4.92
C ASN A 161 4.49 13.13 -4.66
N VAL A 162 4.02 11.96 -4.26
CA VAL A 162 4.90 10.84 -3.97
C VAL A 162 4.59 9.65 -4.87
N LEU A 163 5.63 9.03 -5.40
CA LEU A 163 5.47 7.82 -6.21
C LEU A 163 6.17 6.64 -5.54
N LEU A 164 5.41 5.62 -5.18
CA LEU A 164 5.94 4.44 -4.51
C LEU A 164 6.18 3.28 -5.47
N HIS A 165 7.34 2.66 -5.38
CA HIS A 165 7.67 1.52 -6.22
C HIS A 165 7.85 0.28 -5.36
N GLY A 166 7.30 -0.84 -5.82
CA GLY A 166 7.48 -2.10 -5.11
C GLY A 166 6.52 -3.18 -5.56
N GLU A 167 6.90 -4.42 -5.34
CA GLU A 167 6.06 -5.56 -5.68
C GLU A 167 4.75 -5.51 -4.89
N THR A 168 3.78 -6.28 -5.34
CA THR A 168 2.51 -6.43 -4.65
C THR A 168 2.71 -7.06 -3.27
N GLY A 169 2.02 -6.52 -2.26
CA GLY A 169 2.05 -7.09 -0.93
C GLY A 169 3.26 -6.67 -0.12
N VAL A 170 3.94 -5.63 -0.60
CA VAL A 170 5.21 -5.21 -0.02
C VAL A 170 5.00 -4.17 1.08
N GLY A 171 3.83 -3.54 1.10
CA GLY A 171 3.48 -2.59 2.12
C GLY A 171 3.38 -1.16 1.64
N LYS A 172 3.02 -0.98 0.36
CA LYS A 172 2.97 0.36 -0.22
C LYS A 172 1.84 1.19 0.38
N GLU A 173 0.68 0.58 0.59
CA GLU A 173 -0.45 1.27 1.17
C GLU A 173 -0.13 1.75 2.58
N ARG A 174 0.50 0.88 3.37
CA ARG A 174 0.92 1.18 4.74
C ARG A 174 1.90 2.35 4.78
N ILE A 175 2.79 2.39 3.80
CA ILE A 175 3.76 3.48 3.70
C ILE A 175 3.02 4.77 3.35
N ALA A 176 2.03 4.67 2.47
CA ALA A 176 1.20 5.81 2.11
C ALA A 176 0.41 6.32 3.32
N GLN A 177 -0.12 5.40 4.11
CA GLN A 177 -0.86 5.78 5.30
C GLN A 177 0.08 6.44 6.31
N LEU A 178 1.35 6.06 6.26
CA LEU A 178 2.36 6.67 7.12
C LEU A 178 2.63 8.11 6.66
N LEU A 179 2.69 8.30 5.35
CA LEU A 179 2.88 9.65 4.79
C LEU A 179 1.69 10.54 5.14
N HIS A 180 0.51 9.93 5.18
CA HIS A 180 -0.72 10.60 5.58
C HIS A 180 -0.64 11.11 7.02
N GLU A 181 -0.30 10.20 7.94
CA GLU A 181 -0.20 10.42 9.39
C GLU A 181 0.82 11.49 9.76
N LYS A 182 1.87 11.53 8.97
CA LYS A 182 3.04 12.36 9.27
C LYS A 182 2.94 13.75 8.66
N HIS A 183 1.93 13.99 7.83
CA HIS A 183 1.74 15.31 7.26
C HIS A 183 0.88 16.16 8.20
N SER A 184 1.45 17.28 8.65
CA SER A 184 0.84 18.12 9.67
C SER A 184 -0.55 18.64 9.30
N ARG A 185 -0.78 18.80 8.01
CA ARG A 185 -2.07 19.29 7.54
C ARG A 185 -2.99 18.14 7.12
N TYR A 186 -2.51 17.30 6.19
CA TYR A 186 -3.37 16.30 5.58
C TYR A 186 -3.75 15.14 6.51
N ARG A 187 -3.08 15.05 7.67
CA ARG A 187 -3.42 14.01 8.64
C ARG A 187 -4.86 14.16 9.15
N HIS A 188 -5.37 15.39 9.09
CA HIS A 188 -6.71 15.67 9.61
C HIS A 188 -7.81 15.28 8.63
N GLY A 189 -7.41 14.90 7.41
CA GLY A 189 -8.36 14.42 6.42
C GLY A 189 -8.44 12.91 6.46
N GLU A 190 -9.16 12.35 5.48
CA GLU A 190 -9.30 10.91 5.38
C GLU A 190 -8.21 10.30 4.52
N PHE A 191 -7.90 9.03 4.77
CA PHE A 191 -7.02 8.27 3.89
C PHE A 191 -7.89 7.52 2.90
N VAL A 192 -7.71 7.82 1.61
CA VAL A 192 -8.55 7.22 0.58
C VAL A 192 -7.74 6.38 -0.39
N PRO A 193 -7.74 5.05 -0.19
CA PRO A 193 -6.99 4.13 -1.03
C PRO A 193 -7.77 3.69 -2.28
N VAL A 194 -7.12 3.74 -3.43
CA VAL A 194 -7.75 3.33 -4.68
C VAL A 194 -6.90 2.31 -5.42
N ASN A 195 -7.55 1.24 -5.89
CA ASN A 195 -6.91 0.27 -6.77
C ASN A 195 -7.32 0.51 -8.22
N CYS A 196 -6.47 1.22 -8.95
CA CYS A 196 -6.82 1.68 -10.30
C CYS A 196 -7.03 0.56 -11.31
N GLY A 197 -6.55 -0.64 -10.99
CA GLY A 197 -6.69 -1.78 -11.88
C GLY A 197 -8.00 -2.51 -11.69
N ALA A 198 -8.69 -2.18 -10.61
CA ALA A 198 -9.95 -2.84 -10.26
C ALA A 198 -11.11 -1.87 -10.42
N ILE A 199 -11.13 -1.15 -11.54
CA ILE A 199 -12.18 -0.20 -11.80
C ILE A 199 -12.70 -0.37 -13.23
N PRO A 200 -13.93 -0.87 -13.37
CA PRO A 200 -14.53 -1.02 -14.69
C PRO A 200 -14.74 0.34 -15.35
N ASP A 201 -14.60 0.41 -16.67
CA ASP A 201 -14.64 1.67 -17.39
C ASP A 201 -15.92 2.46 -17.14
N GLY A 202 -17.04 1.74 -17.06
CA GLY A 202 -18.34 2.36 -16.88
C GLY A 202 -18.54 2.97 -15.51
N LEU A 203 -17.65 2.67 -14.57
CA LEU A 203 -17.78 3.19 -13.21
C LEU A 203 -16.71 4.21 -12.86
N PHE A 204 -15.75 4.44 -13.75
CA PHE A 204 -14.64 5.36 -13.47
C PHE A 204 -15.13 6.74 -13.08
N GLU A 205 -16.02 7.31 -13.89
CA GLU A 205 -16.51 8.68 -13.69
C GLU A 205 -17.22 8.83 -12.35
N SER A 206 -18.10 7.89 -12.04
CA SER A 206 -18.87 7.92 -10.80
C SER A 206 -17.98 7.73 -9.58
N LEU A 207 -17.05 6.80 -9.67
CA LEU A 207 -16.18 6.47 -8.54
C LEU A 207 -15.15 7.58 -8.25
N PHE A 208 -14.76 8.32 -9.28
CA PHE A 208 -13.75 9.36 -9.10
C PHE A 208 -14.36 10.75 -8.93
N PHE A 209 -15.37 11.07 -9.74
CA PHE A 209 -15.90 12.43 -9.77
C PHE A 209 -17.25 12.55 -9.06
N GLY A 210 -17.92 11.42 -8.83
CA GLY A 210 -19.19 11.42 -8.12
C GLY A 210 -20.37 11.87 -8.94
N HIS A 211 -21.53 12.02 -8.27
CA HIS A 211 -22.78 12.39 -8.97
C HIS A 211 -23.50 13.52 -8.22
N ALA A 212 -24.16 14.40 -8.94
CA ALA A 212 -24.91 15.52 -8.37
C ALA A 212 -26.24 15.04 -7.78
N ALA A 222 -27.03 11.21 -4.99
CA ALA A 222 -25.79 11.99 -5.08
C ALA A 222 -24.63 11.16 -4.52
N HIS A 223 -23.45 11.23 -5.14
CA HIS A 223 -22.32 10.41 -4.73
C HIS A 223 -21.06 11.27 -4.62
N LYS A 224 -20.26 10.99 -3.60
CA LYS A 224 -18.99 11.68 -3.42
C LYS A 224 -17.84 10.83 -3.94
N GLY A 225 -17.15 11.32 -4.96
CA GLY A 225 -16.07 10.58 -5.59
C GLY A 225 -14.78 10.56 -4.78
N TYR A 226 -13.80 9.81 -5.27
CA TYR A 226 -12.50 9.63 -4.59
C TYR A 226 -11.81 10.96 -4.28
N PHE A 227 -11.76 11.84 -5.28
CA PHE A 227 -11.09 13.12 -5.13
C PHE A 227 -11.70 13.95 -4.00
N GLU A 228 -13.03 14.02 -3.97
CA GLU A 228 -13.72 14.79 -2.95
C GLU A 228 -13.62 14.10 -1.59
N GLN A 229 -13.53 12.77 -1.60
CA GLN A 229 -13.35 12.01 -0.37
C GLN A 229 -12.01 12.34 0.29
N ALA A 230 -11.00 12.58 -0.53
CA ALA A 230 -9.65 12.80 -0.02
C ALA A 230 -9.35 14.28 0.24
N ALA A 231 -10.37 15.12 0.14
CA ALA A 231 -10.20 16.55 0.35
C ALA A 231 -9.62 16.86 1.74
N GLY A 232 -8.47 17.51 1.76
CA GLY A 232 -7.79 17.81 3.00
C GLY A 232 -7.12 16.59 3.60
N GLY A 233 -7.03 15.53 2.81
CA GLY A 233 -6.41 14.30 3.25
C GLY A 233 -5.46 13.73 2.22
N THR A 234 -5.31 12.42 2.20
CA THR A 234 -4.36 11.77 1.31
C THR A 234 -5.07 10.80 0.36
N LEU A 235 -4.85 10.98 -0.94
CA LEU A 235 -5.38 10.09 -1.95
C LEU A 235 -4.31 9.07 -2.35
N PHE A 236 -4.60 7.79 -2.15
CA PHE A 236 -3.65 6.75 -2.49
C PHE A 236 -4.07 5.99 -3.73
N LEU A 237 -3.36 6.23 -4.84
CA LEU A 237 -3.67 5.60 -6.11
C LEU A 237 -2.74 4.44 -6.42
N ASP A 238 -3.10 3.25 -5.96
CA ASP A 238 -2.31 2.07 -6.25
C ASP A 238 -2.63 1.61 -7.67
N GLU A 239 -1.71 0.85 -8.26
CA GLU A 239 -1.88 0.33 -9.61
C GLU A 239 -2.10 1.45 -10.62
N VAL A 240 -1.40 2.58 -10.45
CA VAL A 240 -1.67 3.77 -11.25
C VAL A 240 -1.38 3.52 -12.73
N GLY A 241 -0.49 2.58 -13.03
CA GLY A 241 -0.18 2.24 -14.39
C GLY A 241 -1.30 1.51 -15.11
N ASP A 242 -2.27 1.02 -14.34
CA ASP A 242 -3.40 0.30 -14.92
C ASP A 242 -4.46 1.24 -15.45
N LEU A 243 -4.29 2.54 -15.22
CA LEU A 243 -5.23 3.52 -15.75
C LEU A 243 -5.12 3.60 -17.27
N PRO A 244 -6.27 3.53 -17.96
CA PRO A 244 -6.29 3.79 -19.41
C PRO A 244 -5.88 5.24 -19.70
N LEU A 245 -5.45 5.51 -20.92
CA LEU A 245 -4.98 6.85 -21.28
C LEU A 245 -6.00 7.93 -20.95
N TYR A 246 -7.26 7.71 -21.31
CA TYR A 246 -8.32 8.70 -21.06
C TYR A 246 -8.45 9.04 -19.57
N GLN A 247 -8.38 8.03 -18.72
CA GLN A 247 -8.48 8.24 -17.28
C GLN A 247 -7.22 8.94 -16.76
N GLN A 248 -6.07 8.64 -17.36
CA GLN A 248 -4.84 9.34 -17.03
C GLN A 248 -5.00 10.85 -17.27
N VAL A 249 -5.64 11.19 -18.38
CA VAL A 249 -5.89 12.60 -18.71
C VAL A 249 -6.80 13.27 -17.68
N LYS A 250 -7.90 12.60 -17.34
CA LYS A 250 -8.85 13.12 -16.37
C LYS A 250 -8.16 13.38 -15.03
N LEU A 251 -7.35 12.42 -14.60
CA LEU A 251 -6.55 12.56 -13.39
C LEU A 251 -5.63 13.79 -13.48
N LEU A 252 -4.92 13.90 -14.59
CA LEU A 252 -3.99 15.01 -14.79
C LEU A 252 -4.70 16.37 -14.70
N ARG A 253 -5.85 16.48 -15.35
CA ARG A 253 -6.64 17.71 -15.32
C ARG A 253 -7.01 18.10 -13.89
N VAL A 254 -7.34 17.11 -13.07
CA VAL A 254 -7.69 17.38 -11.68
C VAL A 254 -6.47 17.90 -10.92
N LEU A 255 -5.34 17.24 -11.11
CA LEU A 255 -4.09 17.67 -10.49
C LEU A 255 -3.68 19.06 -10.94
N GLU A 256 -3.97 19.38 -12.20
CA GLU A 256 -3.60 20.68 -12.75
C GLU A 256 -4.59 21.78 -12.38
N ASP A 257 -5.88 21.46 -12.43
CA ASP A 257 -6.90 22.48 -12.24
C ASP A 257 -7.35 22.58 -10.78
N GLY A 258 -7.06 21.54 -10.01
CA GLY A 258 -7.41 21.53 -8.60
C GLY A 258 -8.90 21.63 -8.36
N ALA A 259 -9.67 21.04 -9.26
CA ALA A 259 -11.12 21.07 -9.18
C ALA A 259 -11.74 19.79 -9.74
N VAL A 260 -12.99 19.54 -9.36
CA VAL A 260 -13.70 18.30 -9.82
C VAL A 260 -15.12 18.67 -10.24
N LEU A 261 -15.57 18.18 -11.39
CA LEU A 261 -16.97 18.40 -11.79
C LEU A 261 -17.75 17.10 -11.58
N ARG A 262 -18.65 17.08 -10.60
CA ARG A 262 -19.50 15.90 -10.38
C ARG A 262 -20.40 15.70 -11.60
N VAL A 263 -20.75 14.45 -11.89
CA VAL A 263 -21.66 14.17 -13.03
C VAL A 263 -23.02 14.80 -12.72
N GLY A 264 -23.45 15.75 -13.55
CA GLY A 264 -24.78 16.36 -13.37
C GLY A 264 -24.67 17.76 -12.81
N ALA A 265 -23.44 18.20 -12.51
CA ALA A 265 -23.29 19.52 -11.90
C ALA A 265 -22.95 20.54 -12.96
N THR A 266 -23.08 21.83 -12.62
CA THR A 266 -22.68 22.90 -13.57
C THR A 266 -21.55 23.67 -12.92
N ALA A 267 -21.38 23.50 -11.61
CA ALA A 267 -20.28 24.17 -10.90
C ALA A 267 -19.22 23.18 -10.45
N PRO A 268 -17.94 23.37 -10.81
CA PRO A 268 -16.88 22.50 -10.28
C PRO A 268 -16.59 22.77 -8.80
N VAL A 269 -16.15 21.76 -8.05
CA VAL A 269 -15.82 21.92 -6.61
C VAL A 269 -14.30 21.84 -6.42
N LYS A 270 -13.68 22.79 -5.71
CA LYS A 270 -12.26 22.80 -5.46
C LYS A 270 -11.87 21.66 -4.52
N VAL A 271 -10.80 20.94 -4.87
CA VAL A 271 -10.28 19.88 -4.02
C VAL A 271 -8.80 20.04 -3.79
N ASP A 272 -8.36 19.71 -2.58
CA ASP A 272 -6.94 19.73 -2.25
C ASP A 272 -6.56 18.50 -1.45
N PHE A 273 -5.74 17.63 -2.05
CA PHE A 273 -5.30 16.41 -1.40
C PHE A 273 -3.82 16.15 -1.67
N ARG A 274 -3.21 15.39 -0.76
CA ARG A 274 -1.83 14.94 -0.99
C ARG A 274 -1.95 13.69 -1.87
N LEU A 275 -1.16 13.63 -2.91
CA LEU A 275 -1.22 12.48 -3.81
C LEU A 275 -0.07 11.51 -3.58
N VAL A 276 -0.42 10.26 -3.32
CA VAL A 276 0.55 9.18 -3.29
C VAL A 276 0.12 8.13 -4.30
N ALA A 277 0.92 7.94 -5.34
CA ALA A 277 0.65 6.93 -6.34
C ALA A 277 1.61 5.76 -6.17
N ALA A 278 1.21 4.58 -6.60
CA ALA A 278 2.05 3.40 -6.46
C ALA A 278 1.98 2.50 -7.69
N SER A 279 3.05 1.76 -7.94
CA SER A 279 3.13 0.88 -9.10
C SER A 279 4.15 -0.22 -8.88
N ASN A 280 3.92 -1.38 -9.48
CA ASN A 280 4.91 -2.46 -9.48
C ASN A 280 5.55 -2.59 -10.86
N LYS A 281 5.30 -1.60 -11.71
CA LYS A 281 5.83 -1.61 -13.08
C LYS A 281 6.92 -0.55 -13.25
N LYS A 282 7.69 -0.67 -14.33
CA LYS A 282 8.65 0.36 -14.69
C LYS A 282 7.95 1.44 -15.50
N LEU A 283 7.43 2.44 -14.80
CA LEU A 283 6.66 3.52 -15.42
C LEU A 283 7.38 4.24 -16.58
N PRO A 284 8.70 4.54 -16.44
CA PRO A 284 9.35 5.18 -17.59
C PRO A 284 9.30 4.34 -18.86
N GLN A 285 9.42 3.02 -18.72
CA GLN A 285 9.33 2.13 -19.90
C GLN A 285 7.93 2.26 -20.49
N LEU A 286 6.90 2.30 -19.64
CA LEU A 286 5.53 2.41 -20.10
C LEU A 286 5.28 3.73 -20.83
N VAL A 287 5.97 4.79 -20.39
CA VAL A 287 5.89 6.08 -21.05
C VAL A 287 6.50 6.01 -22.44
N LYS A 288 7.69 5.41 -22.53
CA LYS A 288 8.37 5.24 -23.81
C LYS A 288 7.54 4.39 -24.76
N GLU A 289 6.75 3.48 -24.20
CA GLU A 289 5.97 2.55 -24.99
C GLU A 289 4.62 3.13 -25.38
N GLY A 290 4.30 4.30 -24.84
CA GLY A 290 3.06 4.98 -25.14
C GLY A 290 1.88 4.50 -24.30
N LEU A 291 2.17 3.71 -23.27
CA LEU A 291 1.14 3.14 -22.43
C LEU A 291 0.82 4.03 -21.23
N PHE A 292 1.70 4.99 -20.96
CA PHE A 292 1.51 5.92 -19.87
C PHE A 292 1.93 7.33 -20.31
N ARG A 293 1.09 8.32 -20.03
CA ARG A 293 1.35 9.68 -20.49
C ARG A 293 2.55 10.30 -19.78
N ALA A 294 3.42 10.92 -20.57
CA ALA A 294 4.61 11.56 -20.05
C ALA A 294 4.26 12.68 -19.06
N ASP A 295 3.29 13.52 -19.43
CA ASP A 295 2.94 14.66 -18.60
C ASP A 295 2.43 14.22 -17.23
N LEU A 296 1.64 13.15 -17.21
CA LEU A 296 1.16 12.61 -15.94
C LEU A 296 2.31 12.06 -15.10
N TYR A 297 3.22 11.35 -15.76
CA TYR A 297 4.37 10.79 -15.07
C TYR A 297 5.22 11.88 -14.44
N TYR A 298 5.55 12.90 -15.23
CA TYR A 298 6.41 13.98 -14.76
C TYR A 298 5.77 14.78 -13.62
N ARG A 299 4.45 14.77 -13.55
CA ARG A 299 3.76 15.42 -12.44
C ARG A 299 3.72 14.50 -11.22
N LEU A 300 3.67 13.19 -11.47
CA LEU A 300 3.59 12.19 -10.41
C LEU A 300 4.94 11.88 -9.77
N ALA A 301 5.94 11.62 -10.62
CA ALA A 301 7.23 11.12 -10.17
C ALA A 301 8.17 12.20 -9.64
N VAL A 302 7.81 12.83 -8.54
CA VAL A 302 8.70 13.81 -7.91
C VAL A 302 9.42 13.18 -6.72
N ILE A 303 8.71 12.95 -5.63
CA ILE A 303 9.28 12.16 -4.54
C ILE A 303 9.07 10.69 -4.84
N GLU A 304 10.16 9.95 -4.95
CA GLU A 304 10.07 8.53 -5.27
C GLU A 304 10.67 7.68 -4.17
N LEU A 305 9.90 6.70 -3.71
CA LEU A 305 10.35 5.78 -2.69
C LEU A 305 10.23 4.34 -3.17
N SER A 306 11.28 3.57 -2.98
CA SER A 306 11.28 2.16 -3.35
C SER A 306 11.15 1.30 -2.10
N ILE A 307 10.12 0.47 -2.08
CA ILE A 307 9.86 -0.40 -0.94
C ILE A 307 10.34 -1.82 -1.27
N PRO A 308 11.33 -2.31 -0.51
CA PRO A 308 11.99 -3.57 -0.79
C PRO A 308 11.09 -4.78 -0.54
N SER A 309 11.22 -5.79 -1.40
CA SER A 309 10.49 -7.04 -1.24
C SER A 309 10.92 -7.76 0.03
N LEU A 310 10.22 -8.83 0.37
CA LEU A 310 10.60 -9.63 1.52
C LEU A 310 11.97 -10.26 1.33
N GLU A 311 12.25 -10.73 0.12
CA GLU A 311 13.51 -11.39 -0.17
C GLU A 311 14.67 -10.40 -0.06
N GLU A 312 14.43 -9.15 -0.44
CA GLU A 312 15.44 -8.10 -0.35
C GLU A 312 15.68 -7.68 1.09
N ARG A 313 14.64 -7.78 1.92
CA ARG A 313 14.75 -7.40 3.31
C ARG A 313 15.54 -8.43 4.11
N GLY A 314 15.41 -9.69 3.72
CA GLY A 314 16.24 -10.75 4.30
C GLY A 314 15.58 -11.60 5.35
N ALA A 315 16.26 -12.67 5.75
CA ALA A 315 15.73 -13.64 6.70
C ALA A 315 15.54 -13.04 8.09
N VAL A 316 16.43 -12.12 8.45
CA VAL A 316 16.37 -11.48 9.76
C VAL A 316 15.07 -10.69 9.91
N ASP A 317 14.69 -9.99 8.84
CA ASP A 317 13.47 -9.21 8.85
C ASP A 317 12.23 -10.09 8.74
N LYS A 318 12.34 -11.18 7.97
CA LYS A 318 11.24 -12.13 7.80
C LYS A 318 10.76 -12.70 9.12
N ILE A 319 11.71 -13.22 9.91
CA ILE A 319 11.40 -13.87 11.18
C ILE A 319 10.81 -12.87 12.18
N ALA A 320 11.40 -11.68 12.24
CA ALA A 320 10.93 -10.64 13.14
C ALA A 320 9.49 -10.24 12.81
N LEU A 321 9.16 -10.23 11.52
CA LEU A 321 7.79 -9.96 11.09
C LEU A 321 6.88 -11.12 11.46
N PHE A 322 7.32 -12.33 11.14
CA PHE A 322 6.56 -13.54 11.42
C PHE A 322 6.23 -13.66 12.90
N LYS A 323 7.25 -13.56 13.75
CA LYS A 323 7.07 -13.65 15.20
C LYS A 323 6.15 -12.56 15.72
N SER A 324 6.29 -11.36 15.16
CA SER A 324 5.45 -10.23 15.53
C SER A 324 3.99 -10.51 15.20
N PHE A 325 3.74 -11.02 14.01
CA PHE A 325 2.38 -11.32 13.57
C PHE A 325 1.76 -12.44 14.40
N VAL A 326 2.54 -13.49 14.65
CA VAL A 326 2.07 -14.62 15.43
C VAL A 326 1.66 -14.18 16.84
N ALA A 327 2.51 -13.37 17.45
CA ALA A 327 2.24 -12.82 18.78
C ALA A 327 0.93 -12.02 18.80
N GLN A 328 0.69 -11.26 17.75
CA GLN A 328 -0.53 -10.46 17.73
C GLN A 328 -1.78 -11.33 17.58
N VAL A 329 -1.67 -12.47 16.88
CA VAL A 329 -2.79 -13.38 16.69
C VAL A 329 -3.07 -14.20 17.94
N VAL A 330 -2.03 -14.83 18.49
CA VAL A 330 -2.19 -15.75 19.66
C VAL A 330 -2.37 -14.94 20.94
N GLY A 331 -1.63 -13.80 21.03
CA GLY A 331 -1.62 -13.04 22.27
C GLY A 331 -0.34 -13.31 23.02
N GLU A 332 0.39 -12.25 23.35
CA GLU A 332 1.72 -12.40 23.95
C GLU A 332 1.64 -13.04 25.34
N GLU A 333 0.56 -12.78 26.08
CA GLU A 333 0.37 -13.38 27.38
C GLU A 333 0.25 -14.91 27.25
N ARG A 334 -0.58 -15.36 26.32
CA ARG A 334 -0.75 -16.79 26.11
C ARG A 334 0.48 -17.40 25.48
N LEU A 335 1.13 -16.65 24.61
CA LEU A 335 2.35 -17.10 23.95
C LEU A 335 3.44 -17.39 24.98
N ALA A 336 3.38 -16.69 26.11
CA ALA A 336 4.35 -16.87 27.18
C ALA A 336 4.09 -18.15 27.98
N GLU A 337 2.85 -18.62 27.95
CA GLU A 337 2.48 -19.83 28.70
C GLU A 337 2.66 -21.08 27.86
N LEU A 338 3.02 -20.89 26.59
CA LEU A 338 3.28 -21.99 25.69
C LEU A 338 4.77 -22.27 25.58
N SER A 339 5.12 -23.42 25.03
CA SER A 339 6.51 -23.73 24.73
C SER A 339 7.06 -22.73 23.71
N ASP A 340 8.38 -22.66 23.61
CA ASP A 340 9.01 -21.74 22.67
C ASP A 340 8.59 -22.03 21.23
N LEU A 341 8.64 -21.00 20.40
CA LEU A 341 8.34 -21.14 18.98
C LEU A 341 9.36 -22.08 18.33
N PRO A 342 8.87 -23.23 17.81
CA PRO A 342 9.71 -24.29 17.24
C PRO A 342 10.74 -23.76 16.24
N TYR A 343 11.99 -24.17 16.42
CA TYR A 343 13.09 -23.71 15.58
C TYR A 343 12.89 -24.04 14.11
N TRP A 344 12.35 -25.22 13.81
CA TRP A 344 12.16 -25.65 12.44
C TRP A 344 11.16 -24.74 11.73
N LEU A 345 10.22 -24.19 12.49
CA LEU A 345 9.18 -23.33 11.93
C LEU A 345 9.74 -21.99 11.48
N THR A 346 10.46 -21.31 12.37
CA THR A 346 11.08 -20.03 12.02
C THR A 346 12.17 -20.21 10.97
N ASP A 347 12.83 -21.37 11.00
CA ASP A 347 13.87 -21.67 10.02
C ASP A 347 13.26 -21.90 8.64
N SER A 348 12.05 -22.46 8.61
CA SER A 348 11.30 -22.66 7.37
C SER A 348 10.93 -21.31 6.76
N VAL A 349 10.46 -20.41 7.61
CA VAL A 349 10.08 -19.08 7.18
C VAL A 349 11.28 -18.35 6.55
N ALA A 350 12.43 -18.50 7.17
CA ALA A 350 13.64 -17.85 6.68
C ALA A 350 14.06 -18.38 5.32
N ASP A 351 13.88 -19.68 5.10
CA ASP A 351 14.30 -20.32 3.85
C ASP A 351 13.19 -20.38 2.80
N SER A 352 12.04 -19.79 3.10
CA SER A 352 10.93 -19.78 2.16
C SER A 352 10.94 -18.50 1.33
N TYR A 353 10.55 -18.62 0.07
CA TYR A 353 10.35 -17.45 -0.78
C TYR A 353 8.88 -17.06 -0.75
N PHE A 354 8.61 -15.76 -0.60
CA PHE A 354 7.24 -15.28 -0.50
C PHE A 354 6.89 -14.36 -1.67
N PRO A 355 6.33 -14.92 -2.75
CA PRO A 355 5.90 -14.12 -3.91
C PRO A 355 4.91 -13.04 -3.52
N GLY A 356 4.04 -13.34 -2.57
CA GLY A 356 3.03 -12.40 -2.11
C GLY A 356 3.55 -11.48 -1.03
N ASN A 357 4.86 -11.59 -0.77
CA ASN A 357 5.58 -10.76 0.18
C ASN A 357 4.96 -10.69 1.58
N VAL A 358 4.91 -9.49 2.15
CA VAL A 358 4.51 -9.34 3.55
C VAL A 358 3.08 -9.82 3.78
N ARG A 359 2.20 -9.55 2.81
CA ARG A 359 0.79 -9.97 2.91
C ARG A 359 0.72 -11.49 3.02
N GLU A 360 1.53 -12.17 2.23
CA GLU A 360 1.53 -13.63 2.26
C GLU A 360 2.07 -14.13 3.60
N LEU A 361 3.15 -13.51 4.07
CA LEU A 361 3.75 -13.86 5.35
C LEU A 361 2.74 -13.67 6.49
N ARG A 362 1.98 -12.59 6.41
CA ARG A 362 0.98 -12.35 7.44
C ARG A 362 -0.12 -13.39 7.39
N ASN A 363 -0.47 -13.88 6.20
CA ASN A 363 -1.44 -14.95 6.08
C ASN A 363 -0.95 -16.23 6.74
N LEU A 364 0.31 -16.57 6.48
CA LEU A 364 0.93 -17.75 7.08
C LEU A 364 0.91 -17.64 8.60
N ALA A 365 1.29 -16.47 9.12
CA ALA A 365 1.32 -16.24 10.55
C ALA A 365 -0.06 -16.39 11.15
N GLU A 366 -1.06 -15.88 10.44
CA GLU A 366 -2.43 -15.95 10.90
C GLU A 366 -2.91 -17.39 10.98
N ARG A 367 -2.55 -18.19 9.99
CA ARG A 367 -2.93 -19.59 9.98
C ARG A 367 -2.21 -20.37 11.07
N VAL A 368 -0.94 -20.04 11.28
CA VAL A 368 -0.17 -20.62 12.38
C VAL A 368 -0.82 -20.28 13.72
N GLY A 369 -1.14 -19.01 13.91
CA GLY A 369 -1.73 -18.54 15.15
C GLY A 369 -3.05 -19.20 15.47
N VAL A 370 -3.87 -19.40 14.44
CA VAL A 370 -5.16 -20.06 14.62
C VAL A 370 -4.99 -21.50 15.10
N THR A 371 -4.07 -22.21 14.44
CA THR A 371 -3.73 -23.58 14.85
C THR A 371 -3.32 -23.61 16.32
N VAL A 372 -2.47 -22.67 16.70
CA VAL A 372 -2.00 -22.57 18.06
C VAL A 372 -3.13 -22.28 19.06
N ARG A 373 -3.97 -21.30 18.74
CA ARG A 373 -5.06 -20.91 19.64
C ARG A 373 -6.08 -22.02 19.84
N GLN A 374 -6.35 -22.77 18.78
CA GLN A 374 -7.41 -23.77 18.83
C GLN A 374 -6.91 -25.15 19.26
N THR A 375 -5.60 -25.29 19.43
CA THR A 375 -5.04 -26.55 19.91
C THR A 375 -4.22 -26.37 21.19
N GLY A 376 -4.05 -25.14 21.63
CA GLY A 376 -3.35 -24.91 22.90
C GLY A 376 -1.93 -25.39 22.85
N GLY A 377 -1.30 -25.30 21.69
CA GLY A 377 0.11 -25.68 21.57
C GLY A 377 0.57 -25.71 20.13
N TRP A 378 1.78 -26.21 19.90
CA TRP A 378 2.36 -26.26 18.55
C TRP A 378 2.15 -27.65 17.97
N ASP A 379 1.05 -27.86 17.27
CA ASP A 379 0.80 -29.19 16.63
C ASP A 379 1.73 -29.30 15.44
N ALA A 380 2.80 -30.06 15.60
CA ALA A 380 3.80 -30.20 14.54
C ALA A 380 3.20 -30.65 13.22
N ALA A 381 2.16 -31.49 13.29
CA ALA A 381 1.53 -32.01 12.09
C ALA A 381 0.73 -30.93 11.38
N ARG A 382 -0.09 -30.21 12.14
CA ARG A 382 -0.93 -29.18 11.58
C ARG A 382 -0.09 -28.01 11.07
N LEU A 383 1.01 -27.73 11.77
CA LEU A 383 1.92 -26.67 11.36
C LEU A 383 2.67 -27.03 10.09
N GLN A 384 3.12 -28.28 10.00
CA GLN A 384 3.88 -28.76 8.84
C GLN A 384 3.07 -28.64 7.56
N ARG A 385 1.75 -28.84 7.69
CA ARG A 385 0.84 -28.75 6.56
C ARG A 385 0.77 -27.32 6.04
N LEU A 386 1.10 -26.36 6.89
CA LEU A 386 1.07 -24.96 6.50
C LEU A 386 2.29 -24.56 5.67
N ILE A 387 3.32 -25.40 5.68
CA ILE A 387 4.54 -25.12 4.87
C ILE A 387 4.67 -26.21 3.80
P PO4 B . 0.88 -3.40 -1.12
O1 PO4 B . 0.00 -2.17 -1.12
O2 PO4 B . 2.25 -3.03 -1.63
O3 PO4 B . 0.28 -4.46 -2.01
O4 PO4 B . 1.00 -3.93 0.29
#